data_5VA4
#
_entry.id   5VA4
#
_cell.length_a   104.596
_cell.length_b   104.596
_cell.length_c   104.596
_cell.angle_alpha   90.00
_cell.angle_beta   90.00
_cell.angle_gamma   90.00
#
_symmetry.space_group_name_H-M   'I 2 3'
#
loop_
_entity.id
_entity.type
_entity.pdbx_description
1 polymer 'TRIM5/cyclophilin A V4 fusion protein'
2 non-polymer 'ZINC ION'
3 water water
#
_entity_poly.entity_id   1
_entity_poly.type   'polypeptide(L)'
_entity_poly.pdbx_seq_one_letter_code
;EEGQKVDHCAHHGEKLVLFCQQDGNVICWLCERSQEHRGHQTFLVEEVAQKYREKLQVALEMMRQKQKDAETECNQVAKR
VPKAPPEEKEALIARGKACGEQTQSVRVLISDLEHRLQGSVMELLQGVDGVIKRIEKVTLQ
;
_entity_poly.pdbx_strand_id   A
#
loop_
_chem_comp.id
_chem_comp.type
_chem_comp.name
_chem_comp.formula
ZN non-polymer 'ZINC ION' 'Zn 2'
#
# COMPACT_ATOMS: atom_id res chain seq x y z
N ASP A 7 4.22 14.55 -10.87
CA ASP A 7 4.75 15.40 -9.81
C ASP A 7 4.08 16.77 -9.81
N HIS A 8 2.95 16.87 -10.52
CA HIS A 8 2.23 18.13 -10.64
C HIS A 8 0.74 17.88 -10.43
N CYS A 9 0.07 18.85 -9.81
CA CYS A 9 -1.37 18.78 -9.59
C CYS A 9 -2.10 19.08 -10.90
N ALA A 10 -2.76 18.07 -11.46
CA ALA A 10 -3.46 18.25 -12.73
C ALA A 10 -4.56 19.30 -12.63
N HIS A 11 -5.12 19.51 -11.44
CA HIS A 11 -6.20 20.46 -11.27
C HIS A 11 -5.69 21.90 -11.21
N HIS A 12 -4.57 22.12 -10.52
CA HIS A 12 -4.06 23.47 -10.29
C HIS A 12 -2.73 23.73 -10.98
N GLY A 13 -2.06 22.71 -11.50
CA GLY A 13 -0.78 22.92 -12.15
C GLY A 13 0.34 23.31 -11.22
N GLU A 14 0.22 23.00 -9.94
CA GLU A 14 1.23 23.33 -8.93
C GLU A 14 1.95 22.06 -8.49
N LYS A 15 3.06 22.26 -7.77
CA LYS A 15 3.90 21.15 -7.37
C LYS A 15 3.22 20.33 -6.27
N LEU A 16 3.21 19.02 -6.44
CA LEU A 16 2.71 18.09 -5.42
C LEU A 16 3.82 17.86 -4.41
N VAL A 17 3.78 18.58 -3.29
CA VAL A 17 4.87 18.56 -2.31
C VAL A 17 4.33 18.57 -0.89
N LEU A 18 3.01 18.52 -0.73
CA LEU A 18 2.38 18.53 0.58
C LEU A 18 1.64 17.21 0.79
N PHE A 19 1.83 16.62 1.98
CA PHE A 19 1.16 15.37 2.34
C PHE A 19 0.16 15.66 3.44
N CYS A 20 -1.11 15.41 3.16
CA CYS A 20 -2.18 15.60 4.14
C CYS A 20 -2.34 14.34 4.98
N GLN A 21 -2.29 14.51 6.30
CA GLN A 21 -2.38 13.36 7.20
C GLN A 21 -3.81 12.84 7.31
N GLN A 22 -4.81 13.73 7.20
CA GLN A 22 -6.20 13.29 7.29
C GLN A 22 -6.56 12.38 6.13
N ASP A 23 -6.10 12.71 4.92
CA ASP A 23 -6.52 11.99 3.72
C ASP A 23 -5.48 11.00 3.21
N GLY A 24 -4.22 11.17 3.57
CA GLY A 24 -3.18 10.34 2.99
C GLY A 24 -2.88 10.65 1.55
N ASN A 25 -3.20 11.85 1.10
CA ASN A 25 -2.99 12.26 -0.29
C ASN A 25 -1.82 13.23 -0.39
N VAL A 26 -1.19 13.24 -1.55
CA VAL A 26 -0.16 14.23 -1.90
C VAL A 26 -0.84 15.31 -2.72
N ILE A 27 -0.75 16.55 -2.23
CA ILE A 27 -1.51 17.66 -2.79
C ILE A 27 -0.59 18.84 -3.00
N CYS A 28 -1.13 19.87 -3.66
CA CYS A 28 -0.44 21.12 -3.90
C CYS A 28 -0.93 22.18 -2.91
N TRP A 29 -0.31 23.35 -2.95
CA TRP A 29 -0.64 24.39 -1.97
C TRP A 29 -2.03 24.97 -2.21
N LEU A 30 -2.50 24.96 -3.46
CA LEU A 30 -3.86 25.41 -3.74
C LEU A 30 -4.88 24.36 -3.28
N CYS A 31 -4.56 23.08 -3.47
CA CYS A 31 -5.38 22.02 -2.88
C CYS A 31 -5.54 22.24 -1.38
N GLU A 32 -4.45 22.63 -0.71
CA GLU A 32 -4.49 22.81 0.73
C GLU A 32 -5.49 23.89 1.13
N ARG A 33 -5.77 24.84 0.23
CA ARG A 33 -6.72 25.91 0.54
C ARG A 33 -8.17 25.50 0.34
N SER A 34 -8.42 24.48 -0.50
CA SER A 34 -9.80 24.12 -0.83
C SER A 34 -10.54 23.61 0.41
N GLN A 35 -11.87 23.57 0.29
CA GLN A 35 -12.69 23.09 1.39
C GLN A 35 -12.39 21.64 1.74
N GLU A 36 -11.84 20.89 0.78
CA GLU A 36 -11.57 19.46 1.00
C GLU A 36 -10.65 19.26 2.20
N HIS A 37 -9.70 20.16 2.41
CA HIS A 37 -8.71 20.07 3.48
C HIS A 37 -8.78 21.28 4.39
N ARG A 38 -10.01 21.71 4.73
CA ARG A 38 -10.20 22.95 5.46
C ARG A 38 -9.39 22.97 6.76
N GLY A 39 -9.46 21.88 7.52
CA GLY A 39 -8.78 21.83 8.81
C GLY A 39 -7.82 20.65 8.94
N HIS A 40 -7.12 20.33 7.86
CA HIS A 40 -6.23 19.18 7.83
C HIS A 40 -4.79 19.60 8.09
N GLN A 41 -4.03 18.72 8.72
CA GLN A 41 -2.62 18.93 9.00
C GLN A 41 -1.80 18.40 7.83
N THR A 42 -0.97 19.26 7.23
CA THR A 42 -0.11 18.88 6.12
C THR A 42 1.35 18.95 6.54
N PHE A 43 2.17 18.13 5.90
CA PHE A 43 3.61 18.14 6.08
C PHE A 43 4.27 18.13 4.71
N LEU A 44 5.57 18.42 4.70
CA LEU A 44 6.34 18.29 3.46
C LEU A 44 6.52 16.82 3.13
N VAL A 45 6.27 16.47 1.87
CA VAL A 45 6.45 15.10 1.41
C VAL A 45 7.81 14.57 1.84
N GLU A 46 8.84 15.42 1.79
CA GLU A 46 10.20 15.02 2.09
C GLU A 46 10.42 14.69 3.57
N GLU A 47 9.43 14.94 4.42
CA GLU A 47 9.59 14.74 5.86
C GLU A 47 8.72 13.62 6.43
N VAL A 48 7.89 12.99 5.60
CA VAL A 48 7.10 11.83 6.03
C VAL A 48 7.46 10.57 5.26
N ALA A 49 8.30 10.66 4.23
CA ALA A 49 8.63 9.50 3.41
C ALA A 49 9.21 8.37 4.27
N GLN A 50 10.19 8.70 5.11
CA GLN A 50 10.89 7.66 5.88
C GLN A 50 9.93 6.94 6.80
N LYS A 51 9.06 7.69 7.49
CA LYS A 51 8.07 7.07 8.37
C LYS A 51 7.25 6.02 7.62
N TYR A 52 6.70 6.39 6.47
CA TYR A 52 5.84 5.47 5.74
C TYR A 52 6.65 4.38 5.05
N ARG A 53 7.85 4.71 4.57
CA ARG A 53 8.70 3.71 3.92
C ARG A 53 8.96 2.54 4.86
N GLU A 54 9.37 2.83 6.09
CA GLU A 54 9.62 1.76 7.06
C GLU A 54 8.33 1.07 7.46
N LYS A 55 7.22 1.80 7.51
CA LYS A 55 5.93 1.19 7.83
C LYS A 55 5.53 0.17 6.77
N LEU A 56 5.78 0.47 5.50
CA LEU A 56 5.45 -0.46 4.43
C LEU A 56 6.47 -1.60 4.34
N GLN A 57 7.74 -1.32 4.65
CA GLN A 57 8.75 -2.38 4.65
C GLN A 57 8.38 -3.50 5.61
N VAL A 58 8.01 -3.14 6.84
CA VAL A 58 7.63 -4.15 7.83
C VAL A 58 6.36 -4.86 7.39
N ALA A 59 5.40 -4.13 6.83
CA ALA A 59 4.16 -4.75 6.38
C ALA A 59 4.41 -5.71 5.23
N LEU A 60 5.30 -5.35 4.30
CA LEU A 60 5.67 -6.28 3.24
C LEU A 60 6.32 -7.53 3.82
N GLU A 61 7.26 -7.37 4.73
CA GLU A 61 7.98 -8.50 5.29
C GLU A 61 7.03 -9.46 5.99
N MET A 62 6.12 -8.93 6.82
CA MET A 62 5.21 -9.81 7.56
C MET A 62 4.25 -10.55 6.64
N MET A 63 3.89 -9.94 5.50
CA MET A 63 3.00 -10.61 4.56
C MET A 63 3.75 -11.63 3.71
N ARG A 64 4.99 -11.32 3.34
CA ARG A 64 5.81 -12.31 2.65
C ARG A 64 5.99 -13.56 3.49
N GLN A 65 6.23 -13.38 4.79
CA GLN A 65 6.37 -14.53 5.68
C GLN A 65 5.07 -15.31 5.76
N LYS A 66 3.94 -14.62 5.92
CA LYS A 66 2.65 -15.30 5.97
C LYS A 66 2.36 -15.99 4.64
N GLN A 67 2.77 -15.39 3.52
CA GLN A 67 2.57 -16.01 2.22
C GLN A 67 3.47 -17.23 2.06
N LYS A 68 4.73 -17.13 2.48
CA LYS A 68 5.65 -18.26 2.36
C LYS A 68 5.12 -19.46 3.16
N ASP A 69 4.70 -19.22 4.40
CA ASP A 69 4.12 -20.29 5.20
C ASP A 69 2.92 -20.91 4.50
N ALA A 70 2.05 -20.07 3.95
CA ALA A 70 0.82 -20.57 3.34
C ALA A 70 1.12 -21.48 2.15
N GLU A 71 2.04 -21.07 1.28
CA GLU A 71 2.25 -21.81 0.03
C GLU A 71 3.05 -23.08 0.25
N THR A 72 4.05 -23.06 1.14
CA THR A 72 4.73 -24.30 1.51
C THR A 72 3.73 -25.34 1.96
N GLU A 73 2.70 -24.91 2.70
CA GLU A 73 1.61 -25.81 3.07
C GLU A 73 0.79 -26.19 1.86
N CYS A 74 0.46 -25.21 1.01
CA CYS A 74 -0.27 -25.49 -0.21
C CYS A 74 0.50 -26.42 -1.14
N ASN A 75 1.83 -26.40 -1.07
CA ASN A 75 2.64 -27.27 -1.93
C ASN A 75 2.54 -28.73 -1.49
N GLN A 76 2.46 -28.98 -0.19
CA GLN A 76 2.33 -30.35 0.29
C GLN A 76 1.06 -30.99 -0.27
N VAL A 77 -0.06 -30.26 -0.23
CA VAL A 77 -1.31 -30.77 -0.77
C VAL A 77 -1.15 -31.09 -2.25
N ALA A 78 -0.74 -30.10 -3.04
CA ALA A 78 -0.54 -30.31 -4.47
C ALA A 78 0.45 -31.43 -4.75
N LYS A 79 1.36 -31.72 -3.82
CA LYS A 79 2.29 -32.83 -4.00
C LYS A 79 1.60 -34.19 -3.89
N ARG A 80 0.42 -34.25 -3.30
CA ARG A 80 -0.31 -35.51 -3.20
C ARG A 80 -0.96 -35.88 -4.52
N VAL A 81 -1.61 -34.91 -5.17
CA VAL A 81 -2.33 -35.16 -6.42
C VAL A 81 -1.44 -35.89 -7.41
N ALA A 91 -11.31 -34.27 -3.56
CA ALA A 91 -10.69 -33.45 -4.59
C ALA A 91 -9.73 -32.44 -3.97
N LEU A 92 -8.47 -32.83 -3.81
CA LEU A 92 -7.44 -31.89 -3.36
C LEU A 92 -7.29 -30.72 -4.32
N ILE A 93 -7.72 -30.89 -5.57
CA ILE A 93 -7.63 -29.81 -6.55
C ILE A 93 -8.45 -28.61 -6.11
N ALA A 94 -9.66 -28.85 -5.61
CA ALA A 94 -10.50 -27.75 -5.13
C ALA A 94 -9.91 -27.08 -3.90
N ARG A 95 -9.16 -27.83 -3.09
CA ARG A 95 -8.49 -27.23 -1.93
C ARG A 95 -7.40 -26.27 -2.38
N GLY A 96 -6.58 -26.68 -3.35
CA GLY A 96 -5.61 -25.75 -3.93
C GLY A 96 -6.28 -24.55 -4.56
N LYS A 97 -7.50 -24.72 -5.07
CA LYS A 97 -8.23 -23.59 -5.63
C LYS A 97 -8.67 -22.63 -4.53
N ALA A 98 -9.15 -23.17 -3.41
CA ALA A 98 -9.52 -22.31 -2.29
C ALA A 98 -8.33 -21.49 -1.81
N CYS A 99 -7.19 -22.13 -1.58
CA CYS A 99 -5.98 -21.41 -1.17
C CYS A 99 -5.67 -20.28 -2.14
N GLY A 100 -5.85 -20.52 -3.44
CA GLY A 100 -5.58 -19.48 -4.42
C GLY A 100 -6.52 -18.29 -4.28
N GLU A 101 -7.80 -18.57 -3.97
CA GLU A 101 -8.78 -17.50 -3.80
C GLU A 101 -8.62 -16.78 -2.47
N GLN A 102 -8.25 -17.52 -1.42
CA GLN A 102 -8.11 -16.90 -0.09
C GLN A 102 -6.92 -15.95 -0.04
N THR A 103 -5.80 -16.34 -0.63
CA THR A 103 -4.56 -15.57 -0.55
C THR A 103 -4.44 -14.53 -1.66
N GLN A 104 -5.50 -14.29 -2.43
CA GLN A 104 -5.42 -13.33 -3.53
C GLN A 104 -5.05 -11.95 -3.04
N SER A 105 -5.88 -11.39 -2.14
CA SER A 105 -5.66 -10.01 -1.70
C SER A 105 -4.26 -9.80 -1.16
N VAL A 106 -3.64 -10.84 -0.59
CA VAL A 106 -2.27 -10.72 -0.12
C VAL A 106 -1.32 -10.58 -1.30
N ARG A 107 -1.52 -11.38 -2.35
CA ARG A 107 -0.65 -11.32 -3.51
C ARG A 107 -0.71 -9.95 -4.18
N VAL A 108 -1.89 -9.33 -4.20
CA VAL A 108 -2.01 -8.00 -4.79
C VAL A 108 -1.39 -6.95 -3.88
N LEU A 109 -1.58 -7.09 -2.57
CA LEU A 109 -0.99 -6.14 -1.62
C LEU A 109 0.53 -6.22 -1.66
N ILE A 110 1.08 -7.44 -1.63
CA ILE A 110 2.53 -7.60 -1.72
C ILE A 110 3.05 -6.92 -2.98
N SER A 111 2.33 -7.12 -4.10
CA SER A 111 2.73 -6.48 -5.35
C SER A 111 2.71 -4.96 -5.21
N ASP A 112 1.65 -4.42 -4.62
CA ASP A 112 1.53 -2.96 -4.49
C ASP A 112 2.69 -2.40 -3.67
N LEU A 113 2.96 -3.00 -2.52
CA LEU A 113 4.05 -2.51 -1.66
C LEU A 113 5.38 -2.56 -2.39
N GLU A 114 5.66 -3.66 -3.08
CA GLU A 114 6.88 -3.75 -3.88
C GLU A 114 6.97 -2.62 -4.89
N HIS A 115 5.83 -2.17 -5.42
CA HIS A 115 5.82 -1.05 -6.35
C HIS A 115 6.07 0.27 -5.63
N ARG A 116 5.42 0.48 -4.49
CA ARG A 116 5.57 1.73 -3.77
C ARG A 116 6.99 1.90 -3.24
N LEU A 117 7.59 0.82 -2.74
CA LEU A 117 8.93 0.92 -2.15
C LEU A 117 9.99 1.13 -3.22
N GLN A 118 9.88 0.41 -4.33
CA GLN A 118 10.90 0.51 -5.38
C GLN A 118 10.84 1.85 -6.11
N GLY A 119 9.65 2.44 -6.22
CA GLY A 119 9.45 3.59 -7.08
C GLY A 119 9.81 4.92 -6.45
N SER A 120 9.06 5.96 -6.79
CA SER A 120 9.34 7.32 -6.35
C SER A 120 8.55 7.64 -5.10
N VAL A 121 8.69 8.88 -4.63
CA VAL A 121 7.98 9.31 -3.43
C VAL A 121 6.49 9.51 -3.73
N MET A 122 6.16 9.90 -4.95
CA MET A 122 4.76 10.07 -5.33
C MET A 122 4.02 8.74 -5.25
N GLU A 123 4.51 7.74 -5.98
CA GLU A 123 3.90 6.40 -5.91
C GLU A 123 3.91 5.86 -4.48
N LEU A 124 4.89 6.27 -3.68
CA LEU A 124 5.00 5.76 -2.32
C LEU A 124 3.86 6.25 -1.44
N LEU A 125 3.55 7.54 -1.50
CA LEU A 125 2.69 8.17 -0.50
C LEU A 125 1.27 8.42 -0.95
N GLN A 126 1.01 8.53 -2.25
CA GLN A 126 -0.33 8.87 -2.70
C GLN A 126 -1.31 7.78 -2.31
N GLY A 127 -2.35 8.16 -1.56
CA GLY A 127 -3.29 7.18 -1.05
C GLY A 127 -2.66 6.10 -0.19
N VAL A 128 -1.46 6.34 0.34
CA VAL A 128 -0.77 5.32 1.11
C VAL A 128 -1.64 4.85 2.27
N ASP A 129 -2.30 5.78 2.95
CA ASP A 129 -3.13 5.41 4.10
C ASP A 129 -4.22 4.42 3.71
N GLY A 130 -4.67 4.46 2.46
CA GLY A 130 -5.61 3.46 2.00
C GLY A 130 -5.00 2.06 1.95
N VAL A 131 -3.75 1.97 1.47
CA VAL A 131 -3.05 0.69 1.47
C VAL A 131 -2.79 0.23 2.90
N ILE A 132 -2.57 1.16 3.83
CA ILE A 132 -2.37 0.80 5.22
C ILE A 132 -3.59 0.08 5.77
N LYS A 133 -4.77 0.67 5.59
CA LYS A 133 -5.99 0.07 6.14
C LYS A 133 -6.30 -1.28 5.51
N ARG A 134 -5.95 -1.46 4.23
CA ARG A 134 -6.12 -2.78 3.61
C ARG A 134 -5.16 -3.79 4.23
N ILE A 135 -3.94 -3.37 4.53
CA ILE A 135 -3.00 -4.24 5.24
C ILE A 135 -3.54 -4.59 6.62
N GLU A 136 -4.20 -3.64 7.28
CA GLU A 136 -4.77 -3.89 8.60
C GLU A 136 -5.86 -4.95 8.55
N LYS A 137 -6.56 -5.06 7.42
CA LYS A 137 -7.70 -5.97 7.34
C LYS A 137 -7.26 -7.42 7.55
N VAL A 138 -6.21 -7.84 6.86
CA VAL A 138 -5.69 -9.20 7.02
C VAL A 138 -5.02 -9.34 8.39
ZN ZN B . -6.75 16.64 3.55
ZN ZN C . -3.84 21.11 -6.47
ZN ZN D . -1.40 -21.96 -2.60
#